data_4EUU
#
_entry.id   4EUU
#
_cell.length_a   76.095
_cell.length_b   76.095
_cell.length_c   130.945
_cell.angle_alpha   90.00
_cell.angle_beta   90.00
_cell.angle_gamma   120.00
#
_symmetry.space_group_name_H-M   'P 31'
#
loop_
_entity.id
_entity.type
_entity.pdbx_description
1 polymer 'Serine/threonine-protein kinase TBK1'
2 non-polymer N-(3-{[5-iodo-4-({3-[(thiophen-2-ylcarbonyl)amino]propyl}amino)pyrimidin-2-yl]amino}phenyl)pyrrolidine-1-carboxamide
3 non-polymer 'IODIDE ION'
4 non-polymer 'SULFATE ION'
5 non-polymer GLYCEROL
6 water water
#
_entity_poly.entity_id   1
_entity_poly.type   'polypeptide(L)'
_entity_poly.pdbx_seq_one_letter_code
;MGSQSTSNHLWLLSDILGQGATANVFRGRHKKTGDLFAIKVFNNISFLRPVDVQMREFEVLKKLNHKNIVKLFAIEEETT
TRHKVLIMEFCPCGSLYTVLEEPSNAYGLPESEFLIVLRDVVGGMNHLRENGIVHRNIKPGNIMRVIGEDGQSVYKLTDF
GAARELEDDEQFV(SEP)LYGTEEYLHPDMYERAVLRKDHQKKYGATVDLWSIGVTFYHAATGSLPFRPFEGPRRNKEVM
YKIITGKPSGAISGVQKAENGPIDWSGDMPVSCSLSRGLQVLLTPVLANILEADQEKCWGFDQFFAETSDILHRGNSHHH
HHH
;
_entity_poly.pdbx_strand_id   A,B
#
# COMPACT_ATOMS: atom_id res chain seq x y z
N GLY A 2 -22.69 -1.25 1.50
CA GLY A 2 -23.14 -0.09 2.33
C GLY A 2 -22.38 1.22 2.12
N SER A 3 -22.80 2.21 2.90
CA SER A 3 -22.34 3.59 2.74
C SER A 3 -21.96 4.13 4.09
N GLN A 4 -21.22 5.24 4.09
CA GLN A 4 -21.04 6.03 5.30
C GLN A 4 -21.41 7.48 4.99
N SER A 5 -21.69 8.26 6.01
CA SER A 5 -22.05 9.65 5.73
C SER A 5 -21.72 10.56 6.88
N THR A 6 -21.72 11.86 6.59
CA THR A 6 -21.62 12.91 7.59
C THR A 6 -22.92 13.71 7.52
N SER A 7 -22.99 14.85 8.18
CA SER A 7 -24.20 15.65 8.06
C SER A 7 -24.52 15.97 6.61
N ASN A 8 -23.54 16.43 5.84
CA ASN A 8 -23.79 16.90 4.48
C ASN A 8 -23.38 16.01 3.31
N HIS A 9 -22.62 14.94 3.57
CA HIS A 9 -21.98 14.16 2.48
C HIS A 9 -22.23 12.67 2.68
N LEU A 10 -22.18 11.89 1.59
CA LEU A 10 -22.43 10.45 1.66
C LEU A 10 -21.52 9.78 0.65
N TRP A 11 -20.98 8.61 1.02
CA TRP A 11 -20.16 7.85 0.05
C TRP A 11 -20.41 6.34 0.15
N LEU A 12 -20.35 5.63 -0.98
CA LEU A 12 -20.44 4.17 -0.92
C LEU A 12 -19.05 3.65 -0.61
N LEU A 13 -18.97 2.56 0.16
CA LEU A 13 -17.68 2.06 0.63
C LEU A 13 -16.91 1.34 -0.50
N SER A 14 -17.62 1.01 -1.58
CA SER A 14 -16.96 0.39 -2.76
C SER A 14 -16.42 1.45 -3.70
N ASP A 15 -16.79 2.72 -3.47
CA ASP A 15 -16.34 3.80 -4.39
C ASP A 15 -14.96 4.36 -3.97
N ILE A 16 -13.91 3.54 -4.09
CA ILE A 16 -12.63 3.91 -3.62
C ILE A 16 -11.88 4.72 -4.65
N LEU A 17 -11.12 5.71 -4.18
CA LEU A 17 -10.20 6.50 -5.03
C LEU A 17 -8.74 6.32 -4.62
N GLY A 18 -8.50 5.91 -3.39
CA GLY A 18 -7.14 5.77 -2.90
C GLY A 18 -7.10 4.92 -1.64
N GLN A 19 -5.99 4.24 -1.42
CA GLN A 19 -5.96 3.29 -0.25
C GLN A 19 -4.61 3.53 0.43
N GLY A 20 -4.56 3.58 1.77
CA GLY A 20 -3.30 3.95 2.42
C GLY A 20 -3.21 3.36 3.81
N ALA A 21 -2.07 3.60 4.49
CA ALA A 21 -1.81 3.09 5.84
C ALA A 21 -2.81 3.58 6.92
N THR A 22 -3.13 4.86 6.86
CA THR A 22 -3.91 5.50 7.88
C THR A 22 -5.34 5.80 7.40
N ALA A 23 -5.56 5.72 6.09
CA ALA A 23 -6.80 6.24 5.53
C ALA A 23 -7.12 5.72 4.13
N ASN A 24 -8.41 5.71 3.76
CA ASN A 24 -8.82 5.55 2.37
C ASN A 24 -9.46 6.82 1.87
N VAL A 25 -9.43 7.02 0.55
CA VAL A 25 -10.16 8.15 -0.04
C VAL A 25 -11.29 7.57 -0.88
N PHE A 26 -12.48 8.16 -0.75
CA PHE A 26 -13.68 7.67 -1.47
C PHE A 26 -14.22 8.76 -2.38
N ARG A 27 -14.90 8.37 -3.46
CA ARG A 27 -15.66 9.33 -4.25
C ARG A 27 -17.02 9.45 -3.55
N GLY A 28 -17.38 10.65 -3.14
CA GLY A 28 -18.67 10.81 -2.42
C GLY A 28 -19.43 11.96 -3.04
N ARG A 29 -20.59 12.28 -2.45
CA ARG A 29 -21.44 13.32 -2.97
C ARG A 29 -21.97 14.21 -1.83
N HIS A 30 -22.15 15.50 -2.12
CA HIS A 30 -22.95 16.35 -1.23
C HIS A 30 -24.40 15.83 -1.32
N LYS A 31 -25.05 15.61 -0.17
CA LYS A 31 -26.38 15.01 -0.18
C LYS A 31 -27.45 15.79 -0.94
N LYS A 32 -27.48 17.09 -0.77
CA LYS A 32 -28.55 17.87 -1.37
C LYS A 32 -28.31 18.14 -2.87
N THR A 33 -27.09 18.56 -3.23
CA THR A 33 -26.72 18.96 -4.60
C THR A 33 -26.32 17.82 -5.51
N GLY A 34 -25.75 16.76 -4.93
CA GLY A 34 -25.24 15.65 -5.73
C GLY A 34 -23.83 15.93 -6.23
N ASP A 35 -23.27 17.11 -5.92
CA ASP A 35 -21.93 17.42 -6.42
C ASP A 35 -20.89 16.44 -5.84
N LEU A 36 -19.89 16.08 -6.64
CA LEU A 36 -18.90 15.06 -6.25
C LEU A 36 -17.70 15.63 -5.52
N PHE A 37 -17.18 14.86 -4.56
CA PHE A 37 -16.00 15.22 -3.78
C PHE A 37 -15.21 13.96 -3.48
N ALA A 38 -13.93 14.16 -3.14
CA ALA A 38 -13.08 13.08 -2.64
C ALA A 38 -13.02 13.17 -1.13
N ILE A 39 -13.36 12.06 -0.46
CA ILE A 39 -13.53 12.11 0.98
C ILE A 39 -12.54 11.18 1.66
N LYS A 40 -11.67 11.76 2.47
CA LYS A 40 -10.61 10.98 3.10
C LYS A 40 -11.09 10.58 4.49
N VAL A 41 -10.99 9.28 4.77
CA VAL A 41 -11.60 8.67 5.93
C VAL A 41 -10.56 7.81 6.62
N PHE A 42 -10.28 8.16 7.88
CA PHE A 42 -9.19 7.53 8.65
C PHE A 42 -9.60 6.19 9.22
N ASN A 43 -8.65 5.23 9.19
CA ASN A 43 -8.92 3.86 9.64
C ASN A 43 -8.64 3.74 11.13
N ASN A 44 -9.04 2.63 11.74
CA ASN A 44 -8.86 2.50 13.19
C ASN A 44 -7.43 2.63 13.67
N ILE A 45 -6.52 1.97 12.96
CA ILE A 45 -5.14 1.91 13.39
C ILE A 45 -4.50 3.31 13.44
N SER A 46 -5.03 4.27 12.65
CA SER A 46 -4.46 5.61 12.60
C SER A 46 -4.61 6.33 13.93
N PHE A 47 -5.53 5.86 14.77
CA PHE A 47 -5.83 6.59 16.00
C PHE A 47 -4.87 6.20 17.10
N LEU A 48 -3.92 5.31 16.77
CA LEU A 48 -2.87 4.93 17.68
C LEU A 48 -1.73 5.95 17.64
N ARG A 49 -1.76 6.85 16.66
CA ARG A 49 -0.80 7.94 16.58
C ARG A 49 -1.08 8.95 17.68
N PRO A 50 -0.04 9.71 18.10
CA PRO A 50 -0.28 10.76 19.09
C PRO A 50 -1.24 11.81 18.51
N VAL A 51 -2.05 12.42 19.38
CA VAL A 51 -3.07 13.37 18.95
C VAL A 51 -2.53 14.55 18.15
N ASP A 52 -1.40 15.11 18.58
CA ASP A 52 -0.85 16.23 17.84
C ASP A 52 -0.49 15.80 16.40
N VAL A 53 0.00 14.56 16.24
CA VAL A 53 0.30 14.03 14.90
C VAL A 53 -0.97 13.91 14.06
N GLN A 54 -2.04 13.39 14.67
CA GLN A 54 -3.31 13.21 13.95
C GLN A 54 -3.85 14.54 13.43
N MET A 55 -3.62 15.60 14.21
CA MET A 55 -4.18 16.92 13.88
C MET A 55 -3.49 17.65 12.74
N ARG A 56 -2.25 17.25 12.47
CA ARG A 56 -1.40 17.96 11.48
C ARG A 56 -2.04 18.15 10.12
N GLU A 57 -2.55 17.08 9.54
CA GLU A 57 -3.10 17.18 8.19
C GLU A 57 -4.28 18.16 8.19
N PHE A 58 -5.05 18.14 9.27
CA PHE A 58 -6.18 19.06 9.38
C PHE A 58 -5.70 20.51 9.44
N GLU A 59 -4.74 20.77 10.33
CA GLU A 59 -4.14 22.10 10.46
C GLU A 59 -3.43 22.56 9.17
N VAL A 60 -2.72 21.63 8.52
CA VAL A 60 -1.98 21.95 7.30
C VAL A 60 -2.95 22.35 6.19
N LEU A 61 -3.95 21.50 5.93
CA LEU A 61 -4.91 21.76 4.87
C LEU A 61 -5.77 23.01 5.08
N LYS A 62 -6.05 23.37 6.33
CA LYS A 62 -6.84 24.59 6.61
C LYS A 62 -6.04 25.86 6.34
N LYS A 63 -4.72 25.72 6.33
CA LYS A 63 -3.78 26.80 6.02
C LYS A 63 -3.58 27.05 4.51
N LEU A 64 -3.69 26.00 3.69
CA LEU A 64 -3.38 26.10 2.26
C LEU A 64 -4.53 26.58 1.38
N ASN A 65 -4.19 27.28 0.32
CA ASN A 65 -5.18 27.66 -0.68
C ASN A 65 -4.46 28.11 -1.94
N HIS A 66 -4.41 27.24 -2.95
CA HIS A 66 -3.61 27.56 -4.13
C HIS A 66 -4.05 26.68 -5.31
N LYS A 67 -3.83 27.16 -6.53
CA LYS A 67 -4.24 26.44 -7.72
C LYS A 67 -3.50 25.11 -7.92
N ASN A 68 -2.37 24.94 -7.26
CA ASN A 68 -1.60 23.71 -7.44
C ASN A 68 -1.66 22.82 -6.21
N ILE A 69 -2.73 23.00 -5.42
CA ILE A 69 -3.00 22.16 -4.26
C ILE A 69 -4.47 21.78 -4.30
N VAL A 70 -4.76 20.49 -4.15
CA VAL A 70 -6.14 20.03 -4.17
C VAL A 70 -6.90 20.73 -3.04
N LYS A 71 -8.07 21.25 -3.36
CA LYS A 71 -8.78 22.09 -2.42
C LYS A 71 -9.45 21.27 -1.33
N LEU A 72 -9.39 21.77 -0.09
CA LEU A 72 -10.22 21.26 0.99
C LEU A 72 -11.52 22.06 1.09
N PHE A 73 -12.67 21.39 0.94
CA PHE A 73 -13.97 22.03 1.02
C PHE A 73 -14.54 22.10 2.44
N ALA A 74 -14.39 21.02 3.19
CA ALA A 74 -15.05 20.93 4.49
C ALA A 74 -14.42 19.86 5.36
N ILE A 75 -14.56 20.05 6.67
CA ILE A 75 -14.27 18.99 7.62
C ILE A 75 -15.56 18.64 8.34
N GLU A 76 -16.03 17.40 8.22
CA GLU A 76 -17.28 16.96 8.87
C GLU A 76 -17.10 15.63 9.61
N GLU A 77 -18.09 15.23 10.39
CA GLU A 77 -17.95 14.06 11.28
C GLU A 77 -18.73 12.90 10.74
N GLU A 78 -18.06 11.77 10.54
CA GLU A 78 -18.76 10.58 10.06
C GLU A 78 -19.58 9.99 11.24
N THR A 79 -20.77 9.48 10.97
CA THR A 79 -21.76 9.19 12.04
C THR A 79 -21.45 7.97 12.90
N THR A 80 -20.92 6.90 12.32
CA THR A 80 -20.81 5.67 13.10
C THR A 80 -19.63 5.70 14.05
N THR A 81 -18.61 6.49 13.69
CA THR A 81 -17.37 6.58 14.49
C THR A 81 -17.21 7.93 15.18
N ARG A 82 -17.92 8.95 14.70
CA ARG A 82 -17.71 10.32 15.14
C ARG A 82 -16.33 10.93 14.77
N HIS A 83 -15.60 10.28 13.86
CA HIS A 83 -14.31 10.81 13.39
C HIS A 83 -14.50 11.90 12.33
N LYS A 84 -13.63 12.91 12.36
CA LYS A 84 -13.58 13.92 11.30
C LYS A 84 -13.09 13.28 10.00
N VAL A 85 -13.72 13.65 8.90
CA VAL A 85 -13.26 13.26 7.57
C VAL A 85 -12.91 14.52 6.83
N LEU A 86 -12.09 14.37 5.78
CA LEU A 86 -11.69 15.52 5.00
C LEU A 86 -12.44 15.47 3.68
N ILE A 87 -13.16 16.55 3.36
CA ILE A 87 -13.92 16.59 2.12
C ILE A 87 -13.21 17.51 1.13
N MET A 88 -12.70 16.91 0.06
CA MET A 88 -11.80 17.58 -0.87
C MET A 88 -12.33 17.63 -2.28
N GLU A 89 -11.74 18.51 -3.09
CA GLU A 89 -12.00 18.54 -4.50
C GLU A 89 -11.81 17.16 -5.13
N PHE A 90 -12.80 16.73 -5.92
CA PHE A 90 -12.64 15.50 -6.74
C PHE A 90 -11.96 15.81 -8.08
N CYS A 91 -10.91 15.06 -8.43
CA CYS A 91 -10.21 15.22 -9.68
C CYS A 91 -10.49 13.98 -10.53
N PRO A 92 -11.50 14.05 -11.43
CA PRO A 92 -11.96 12.88 -12.16
C PRO A 92 -10.91 12.25 -13.06
N CYS A 93 -9.94 13.04 -13.51
CA CYS A 93 -8.83 12.53 -14.34
C CYS A 93 -7.79 11.67 -13.59
N GLY A 94 -7.79 11.70 -12.26
CA GLY A 94 -6.82 10.89 -11.51
C GLY A 94 -5.42 11.51 -11.52
N SER A 95 -4.39 10.67 -11.39
CA SER A 95 -3.05 11.14 -11.04
C SER A 95 -2.04 11.10 -12.18
N LEU A 96 -0.93 11.79 -11.93
CA LEU A 96 0.20 11.74 -12.85
C LEU A 96 0.74 10.31 -12.96
N TYR A 97 0.64 9.54 -11.88
CA TYR A 97 1.04 8.12 -11.92
C TYR A 97 0.34 7.43 -13.10
N THR A 98 -0.97 7.65 -13.21
CA THR A 98 -1.73 6.97 -14.26
C THR A 98 -1.30 7.43 -15.66
N VAL A 99 -1.00 8.73 -15.78
CA VAL A 99 -0.53 9.28 -17.05
C VAL A 99 0.81 8.59 -17.40
N LEU A 100 1.71 8.44 -16.44
CA LEU A 100 3.02 7.83 -16.71
C LEU A 100 2.97 6.35 -17.05
N GLU A 101 1.92 5.67 -16.62
CA GLU A 101 1.74 4.25 -16.96
C GLU A 101 1.42 4.08 -18.45
N GLU A 102 0.84 5.10 -19.08
CA GLU A 102 0.40 4.91 -20.48
C GLU A 102 1.59 4.59 -21.38
N PRO A 103 1.40 3.63 -22.30
CA PRO A 103 2.48 3.20 -23.20
C PRO A 103 3.12 4.37 -23.95
N SER A 104 2.32 5.38 -24.35
CA SER A 104 2.85 6.51 -25.17
C SER A 104 3.90 7.29 -24.36
N ASN A 105 3.86 7.16 -23.04
CA ASN A 105 4.80 7.86 -22.18
C ASN A 105 5.93 6.98 -21.69
N ALA A 106 6.13 5.84 -22.36
CA ALA A 106 7.21 4.90 -21.95
C ALA A 106 8.57 5.54 -21.85
N TYR A 107 8.84 6.55 -22.69
CA TYR A 107 10.17 7.19 -22.66
C TYR A 107 10.12 8.62 -22.18
N GLY A 108 9.02 8.96 -21.53
CA GLY A 108 8.82 10.29 -20.97
C GLY A 108 7.60 10.99 -21.60
N LEU A 109 7.12 12.02 -20.89
CA LEU A 109 6.00 12.85 -21.32
C LEU A 109 6.40 13.70 -22.54
N PRO A 110 5.41 14.05 -23.35
CA PRO A 110 5.68 15.08 -24.36
C PRO A 110 6.18 16.32 -23.66
N GLU A 111 7.10 17.05 -24.30
CA GLU A 111 7.66 18.25 -23.70
C GLU A 111 6.60 19.25 -23.18
N SER A 112 5.54 19.50 -23.97
CA SER A 112 4.47 20.40 -23.52
C SER A 112 3.89 19.98 -22.15
N GLU A 113 3.64 18.68 -21.98
CA GLU A 113 3.05 18.17 -20.72
C GLU A 113 4.09 18.20 -19.60
N PHE A 114 5.35 17.93 -19.92
CA PHE A 114 6.38 17.96 -18.91
C PHE A 114 6.54 19.36 -18.34
N LEU A 115 6.46 20.36 -19.22
CA LEU A 115 6.65 21.75 -18.80
C LEU A 115 5.53 22.19 -17.87
N ILE A 116 4.32 21.69 -18.13
CA ILE A 116 3.19 21.87 -17.23
C ILE A 116 3.41 21.20 -15.85
N VAL A 117 3.86 19.94 -15.83
CA VAL A 117 4.17 19.27 -14.56
C VAL A 117 5.22 20.09 -13.80
N LEU A 118 6.26 20.53 -14.52
CA LEU A 118 7.28 21.38 -13.93
C LEU A 118 6.71 22.64 -13.29
N ARG A 119 5.99 23.43 -14.06
CA ARG A 119 5.30 24.63 -13.58
C ARG A 119 4.47 24.39 -12.31
N ASP A 120 3.69 23.32 -12.33
CA ASP A 120 2.67 23.12 -11.30
C ASP A 120 3.21 22.51 -10.04
N VAL A 121 4.15 21.58 -10.16
CA VAL A 121 4.84 21.02 -8.98
C VAL A 121 5.65 22.11 -8.28
N VAL A 122 6.34 22.93 -9.08
CA VAL A 122 7.10 24.05 -8.53
C VAL A 122 6.17 25.01 -7.81
N GLY A 123 5.05 25.35 -8.46
CA GLY A 123 4.05 26.26 -7.87
C GLY A 123 3.47 25.75 -6.57
N GLY A 124 3.08 24.48 -6.54
CA GLY A 124 2.63 23.83 -5.29
C GLY A 124 3.71 23.87 -4.21
N MET A 125 4.92 23.48 -4.58
CA MET A 125 5.99 23.40 -3.61
C MET A 125 6.29 24.79 -3.05
N ASN A 126 6.30 25.80 -3.92
CA ASN A 126 6.48 27.18 -3.46
C ASN A 126 5.42 27.59 -2.43
N HIS A 127 4.16 27.26 -2.72
CA HIS A 127 3.06 27.60 -1.84
C HIS A 127 3.23 26.98 -0.45
N LEU A 128 3.63 25.72 -0.41
CA LEU A 128 3.93 25.04 0.85
C LEU A 128 5.04 25.78 1.62
N ARG A 129 6.17 25.97 0.94
CA ARG A 129 7.34 26.62 1.55
C ARG A 129 7.00 28.01 2.09
N GLU A 130 6.25 28.79 1.30
CA GLU A 130 5.76 30.10 1.80
C GLU A 130 4.97 29.95 3.09
N ASN A 131 4.19 28.87 3.18
CA ASN A 131 3.37 28.62 4.35
C ASN A 131 4.05 27.74 5.41
N GLY A 132 5.34 27.49 5.26
CA GLY A 132 6.11 26.76 6.25
C GLY A 132 5.68 25.32 6.44
N ILE A 133 5.29 24.70 5.33
CA ILE A 133 4.80 23.32 5.34
C ILE A 133 5.75 22.39 4.59
N VAL A 134 6.06 21.25 5.20
CA VAL A 134 6.74 20.18 4.46
C VAL A 134 5.75 19.04 4.09
N HIS A 135 5.90 18.44 2.90
CA HIS A 135 4.93 17.40 2.43
C HIS A 135 5.38 15.99 2.86
N ARG A 136 6.59 15.63 2.48
CA ARG A 136 7.20 14.39 2.92
C ARG A 136 6.68 13.12 2.24
N ASN A 137 5.86 13.26 1.20
CA ASN A 137 5.53 12.08 0.42
C ASN A 137 5.18 12.41 -1.02
N ILE A 138 5.91 13.35 -1.62
CA ILE A 138 5.59 13.75 -2.98
C ILE A 138 5.94 12.66 -3.98
N LYS A 139 5.02 12.37 -4.90
CA LYS A 139 5.24 11.36 -5.95
C LYS A 139 4.10 11.43 -6.99
N PRO A 140 4.27 10.84 -8.18
CA PRO A 140 3.21 10.91 -9.19
C PRO A 140 1.83 10.46 -8.71
N GLY A 141 1.81 9.45 -7.84
CA GLY A 141 0.56 8.94 -7.27
C GLY A 141 -0.25 9.96 -6.49
N ASN A 142 0.37 11.02 -5.99
CA ASN A 142 -0.44 12.03 -5.36
C ASN A 142 -0.28 13.43 -5.96
N ILE A 143 0.05 13.46 -7.24
CA ILE A 143 0.02 14.69 -7.97
C ILE A 143 -1.19 14.55 -8.91
N MET A 144 -2.27 15.30 -8.65
CA MET A 144 -3.51 15.05 -9.40
C MET A 144 -3.61 15.89 -10.67
N ARG A 145 -4.20 15.34 -11.72
CA ARG A 145 -4.42 16.08 -12.98
C ARG A 145 -5.83 16.60 -13.05
N VAL A 146 -5.98 17.88 -13.40
CA VAL A 146 -7.29 18.51 -13.60
C VAL A 146 -7.24 19.16 -14.99
N ILE A 147 -8.33 19.08 -15.73
CA ILE A 147 -8.41 19.80 -17.02
C ILE A 147 -8.79 21.25 -16.77
N GLY A 148 -7.91 22.17 -17.14
CA GLY A 148 -8.13 23.59 -16.90
C GLY A 148 -9.14 24.22 -17.85
N GLU A 149 -9.40 25.51 -17.63
CA GLU A 149 -10.31 26.31 -18.47
C GLU A 149 -10.08 26.14 -19.97
N ASP A 150 -8.81 26.16 -20.38
CA ASP A 150 -8.44 26.13 -21.79
C ASP A 150 -8.22 24.71 -22.34
N GLY A 151 -8.63 23.69 -21.57
CA GLY A 151 -8.45 22.31 -21.99
C GLY A 151 -7.10 21.70 -21.64
N GLN A 152 -6.17 22.52 -21.15
CA GLN A 152 -4.83 22.03 -20.81
C GLN A 152 -4.78 21.54 -19.36
N SER A 153 -3.84 20.66 -19.07
CA SER A 153 -3.71 20.10 -17.72
C SER A 153 -3.29 21.13 -16.70
N VAL A 154 -3.77 20.96 -15.47
CA VAL A 154 -3.23 21.64 -14.30
C VAL A 154 -3.00 20.57 -13.26
N TYR A 155 -1.80 20.47 -12.71
CA TYR A 155 -1.53 19.45 -11.70
C TYR A 155 -1.59 20.05 -10.30
N LYS A 156 -1.98 19.24 -9.31
CA LYS A 156 -2.20 19.72 -7.96
C LYS A 156 -1.72 18.68 -6.96
N LEU A 157 -1.01 19.13 -5.95
CA LEU A 157 -0.52 18.24 -4.92
C LEU A 157 -1.63 17.82 -3.97
N THR A 158 -1.56 16.57 -3.49
CA THR A 158 -2.47 16.11 -2.45
C THR A 158 -1.79 15.08 -1.59
N ASP A 159 -2.53 14.43 -0.70
CA ASP A 159 -2.01 13.51 0.31
C ASP A 159 -1.04 14.13 1.28
N PHE A 160 -1.60 14.91 2.18
CA PHE A 160 -0.84 15.60 3.20
C PHE A 160 -0.77 14.81 4.48
N GLY A 161 -0.96 13.51 4.35
CA GLY A 161 -0.95 12.58 5.47
C GLY A 161 0.34 12.60 6.26
N ALA A 162 1.46 12.89 5.60
CA ALA A 162 2.77 12.96 6.26
C ALA A 162 3.25 14.38 6.48
N ALA A 163 2.44 15.37 6.11
CA ALA A 163 2.88 16.76 6.18
C ALA A 163 2.94 17.34 7.60
N ARG A 164 3.70 18.41 7.75
CA ARG A 164 3.79 19.12 9.02
C ARG A 164 4.28 20.53 8.82
N GLU A 165 4.05 21.36 9.83
CA GLU A 165 4.67 22.68 9.85
C GLU A 165 6.10 22.50 10.33
N LEU A 166 7.03 23.11 9.60
CA LEU A 166 8.44 23.00 9.89
C LEU A 166 9.18 24.27 9.46
N GLU A 167 9.66 25.04 10.43
CA GLU A 167 10.38 26.29 10.15
C GLU A 167 11.57 26.06 9.22
N ASP A 168 11.96 27.10 8.49
CA ASP A 168 12.90 26.98 7.38
C ASP A 168 14.19 26.21 7.68
N ASP A 169 14.66 26.25 8.92
CA ASP A 169 15.89 25.56 9.29
C ASP A 169 15.65 24.39 10.27
N GLU A 170 14.40 24.20 10.66
CA GLU A 170 14.03 23.17 11.64
C GLU A 170 14.22 21.75 11.09
N GLN A 171 14.56 20.81 11.96
CA GLN A 171 14.79 19.43 11.55
C GLN A 171 13.89 18.43 12.29
N PHE A 172 13.80 17.21 11.76
CA PHE A 172 12.97 16.16 12.37
C PHE A 172 13.64 14.80 12.26
N VAL A 173 13.16 13.83 13.03
CA VAL A 173 13.76 12.51 13.06
C VAL A 173 12.72 11.42 12.70
N LEU A 175 9.93 9.24 10.49
CA LEU A 175 10.08 8.64 9.15
C LEU A 175 8.75 8.58 8.38
N TYR A 176 8.77 9.11 7.15
CA TYR A 176 7.61 9.07 6.22
C TYR A 176 8.12 8.85 4.81
N GLY A 177 7.20 8.62 3.88
CA GLY A 177 7.56 8.68 2.45
C GLY A 177 7.39 7.36 1.73
N THR A 178 7.93 7.28 0.53
CA THR A 178 7.74 6.10 -0.32
C THR A 178 9.11 5.74 -0.86
N GLU A 179 9.49 4.47 -0.73
CA GLU A 179 10.86 3.96 -0.97
C GLU A 179 11.55 4.48 -2.24
N GLU A 180 10.85 4.48 -3.37
CA GLU A 180 11.45 4.83 -4.68
C GLU A 180 11.77 6.32 -4.78
N TYR A 181 11.13 7.12 -3.91
CA TYR A 181 11.18 8.57 -3.96
C TYR A 181 11.87 9.17 -2.73
N LEU A 182 12.47 8.31 -1.92
CA LEU A 182 12.86 8.69 -0.57
C LEU A 182 14.32 9.11 -0.44
N HIS A 183 14.55 10.24 0.21
CA HIS A 183 15.90 10.77 0.42
C HIS A 183 16.77 9.71 1.09
N PRO A 184 18.04 9.58 0.65
CA PRO A 184 18.93 8.51 1.11
C PRO A 184 19.07 8.45 2.63
N ASP A 185 19.12 9.60 3.30
CA ASP A 185 19.31 9.58 4.77
C ASP A 185 18.06 8.96 5.44
N MET A 186 16.88 9.24 4.90
CA MET A 186 15.65 8.64 5.43
C MET A 186 15.55 7.16 5.06
N TYR A 187 15.93 6.83 3.82
CA TYR A 187 15.89 5.47 3.31
C TYR A 187 16.79 4.59 4.17
N GLU A 188 17.97 5.12 4.50
CA GLU A 188 18.91 4.44 5.35
C GLU A 188 18.27 3.89 6.66
N ARG A 189 17.54 4.76 7.36
CA ARG A 189 16.95 4.41 8.65
C ARG A 189 15.65 3.62 8.47
N ALA A 190 14.78 4.12 7.59
CA ALA A 190 13.41 3.59 7.47
C ALA A 190 13.37 2.22 6.77
N VAL A 191 14.22 2.03 5.76
CA VAL A 191 14.16 0.83 4.92
C VAL A 191 15.24 -0.18 5.25
N LEU A 192 16.48 0.29 5.45
CA LEU A 192 17.57 -0.58 5.80
C LEU A 192 17.75 -0.73 7.30
N ARG A 193 17.09 0.14 8.06
CA ARG A 193 17.10 0.07 9.52
C ARG A 193 18.47 0.34 10.09
N LYS A 194 19.28 1.05 9.33
CA LYS A 194 20.59 1.47 9.82
C LYS A 194 20.46 2.81 10.53
N ASP A 195 20.62 2.81 11.85
CA ASP A 195 20.59 4.07 12.57
C ASP A 195 21.95 4.73 12.65
N HIS A 196 22.14 5.81 11.90
CA HIS A 196 23.39 6.55 11.93
C HIS A 196 23.20 7.92 12.58
N GLN A 197 22.23 8.02 13.49
CA GLN A 197 22.02 9.24 14.26
C GLN A 197 21.91 10.47 13.37
N LYS A 198 20.98 10.44 12.41
CA LYS A 198 20.85 11.56 11.47
C LYS A 198 19.56 12.32 11.69
N LYS A 199 19.56 13.58 11.25
CA LYS A 199 18.33 14.35 11.22
C LYS A 199 17.99 14.78 9.80
N TYR A 200 16.71 15.00 9.53
CA TYR A 200 16.24 15.33 8.18
C TYR A 200 15.61 16.73 8.16
N GLY A 201 15.52 17.35 6.99
CA GLY A 201 14.97 18.71 6.88
C GLY A 201 14.04 18.87 5.70
N ALA A 202 13.59 20.09 5.42
CA ALA A 202 12.66 20.34 4.30
C ALA A 202 13.14 19.78 2.95
N THR A 203 14.46 19.79 2.74
CA THR A 203 15.02 19.36 1.48
C THR A 203 14.70 17.91 1.10
N VAL A 204 14.11 17.13 2.00
CA VAL A 204 13.65 15.81 1.57
C VAL A 204 12.64 15.94 0.42
N ASP A 205 11.88 17.04 0.42
CA ASP A 205 10.84 17.20 -0.62
C ASP A 205 11.51 17.48 -1.95
N LEU A 206 12.69 18.11 -1.91
CA LEU A 206 13.39 18.36 -3.16
C LEU A 206 13.91 17.05 -3.77
N TRP A 207 14.30 16.08 -2.95
CA TRP A 207 14.78 14.79 -3.46
C TRP A 207 13.62 14.10 -4.18
N SER A 208 12.46 14.01 -3.51
CA SER A 208 11.29 13.33 -4.15
C SER A 208 10.80 14.02 -5.43
N ILE A 209 10.82 15.35 -5.44
CA ILE A 209 10.51 16.11 -6.63
C ILE A 209 11.54 15.79 -7.73
N GLY A 210 12.81 15.71 -7.36
CA GLY A 210 13.84 15.37 -8.35
C GLY A 210 13.54 14.04 -8.99
N VAL A 211 13.18 13.05 -8.17
CA VAL A 211 12.87 11.71 -8.67
C VAL A 211 11.60 11.72 -9.57
N THR A 212 10.58 12.47 -9.11
CA THR A 212 9.33 12.68 -9.86
C THR A 212 9.64 13.29 -11.25
N PHE A 213 10.47 14.34 -11.28
CA PHE A 213 10.81 14.98 -12.57
C PHE A 213 11.60 14.05 -13.48
N TYR A 214 12.57 13.33 -12.93
CA TYR A 214 13.33 12.36 -13.75
C TYR A 214 12.32 11.36 -14.35
N HIS A 215 11.40 10.92 -13.52
CA HIS A 215 10.43 9.92 -13.95
C HIS A 215 9.51 10.46 -15.05
N ALA A 216 9.02 11.68 -14.86
CA ALA A 216 8.16 12.32 -15.87
C ALA A 216 8.94 12.59 -17.16
N ALA A 217 10.24 12.86 -17.05
CA ALA A 217 11.06 13.22 -18.20
C ALA A 217 11.50 12.01 -19.03
N THR A 218 11.56 10.84 -18.40
CA THR A 218 12.14 9.70 -19.06
C THR A 218 11.25 8.50 -19.11
N GLY A 219 10.16 8.52 -18.35
CA GLY A 219 9.31 7.34 -18.27
C GLY A 219 9.75 6.27 -17.30
N SER A 220 10.90 6.47 -16.62
CA SER A 220 11.44 5.46 -15.67
C SER A 220 11.95 6.15 -14.39
N LEU A 221 11.97 5.40 -13.30
CA LEU A 221 12.57 5.87 -12.08
C LEU A 221 14.06 6.03 -12.29
N PRO A 222 14.66 7.00 -11.61
CA PRO A 222 16.12 7.21 -11.82
C PRO A 222 17.04 6.12 -11.20
N PHE A 223 16.61 5.49 -10.11
CA PHE A 223 17.48 4.55 -9.37
C PHE A 223 16.85 3.16 -9.38
N ARG A 224 17.49 2.22 -10.05
CA ARG A 224 16.83 0.98 -10.41
C ARG A 224 17.76 -0.23 -10.25
N PRO A 225 17.61 -0.96 -9.14
CA PRO A 225 18.24 -2.28 -9.07
C PRO A 225 17.60 -3.15 -10.17
N PHE A 226 18.20 -4.30 -10.44
CA PHE A 226 17.76 -5.13 -11.53
C PHE A 226 16.30 -5.57 -11.33
N GLU A 227 15.93 -5.86 -10.08
CA GLU A 227 14.56 -6.30 -9.73
C GLU A 227 13.54 -5.15 -9.47
N GLY A 228 14.00 -3.91 -9.58
CA GLY A 228 13.20 -2.76 -9.19
C GLY A 228 13.53 -2.42 -7.73
N PRO A 229 13.31 -1.16 -7.31
CA PRO A 229 13.72 -0.71 -5.97
C PRO A 229 13.13 -1.54 -4.86
N ARG A 230 11.85 -1.89 -4.97
CA ARG A 230 11.18 -2.56 -3.87
C ARG A 230 11.72 -3.94 -3.59
N ARG A 231 12.24 -4.56 -4.63
CA ARG A 231 12.69 -5.93 -4.53
C ARG A 231 14.18 -6.11 -4.31
N ASN A 232 14.94 -5.02 -4.22
CA ASN A 232 16.38 -5.13 -3.89
C ASN A 232 16.82 -3.90 -3.10
N LYS A 233 16.47 -3.90 -1.84
CA LYS A 233 16.66 -2.74 -1.01
C LYS A 233 18.14 -2.49 -0.82
N GLU A 234 18.94 -3.55 -0.68
CA GLU A 234 20.38 -3.39 -0.49
C GLU A 234 21.04 -2.62 -1.64
N VAL A 235 20.72 -3.04 -2.87
CA VAL A 235 21.26 -2.40 -4.06
C VAL A 235 20.68 -1.04 -4.26
N MET A 236 19.39 -0.87 -3.96
CA MET A 236 18.79 0.45 -4.07
C MET A 236 19.62 1.43 -3.20
N TYR A 237 19.95 1.01 -2.00
CA TYR A 237 20.70 1.84 -1.08
C TYR A 237 22.10 2.13 -1.64
N LYS A 238 22.73 1.12 -2.24
CA LYS A 238 24.06 1.31 -2.84
C LYS A 238 23.99 2.32 -3.99
N ILE A 239 22.88 2.29 -4.74
CA ILE A 239 22.73 3.14 -5.92
C ILE A 239 22.58 4.59 -5.45
N ILE A 240 21.67 4.79 -4.50
CA ILE A 240 21.39 6.14 -4.03
C ILE A 240 22.48 6.79 -3.16
N THR A 241 23.20 5.98 -2.39
CA THR A 241 24.27 6.52 -1.57
C THR A 241 25.62 6.51 -2.28
N GLY A 242 25.77 5.63 -3.26
CA GLY A 242 27.06 5.52 -3.94
C GLY A 242 27.20 6.45 -5.12
N LYS A 243 26.10 7.10 -5.53
CA LYS A 243 26.14 7.88 -6.76
C LYS A 243 27.14 9.02 -6.74
N PRO A 244 27.89 9.18 -7.84
CA PRO A 244 28.83 10.27 -7.87
C PRO A 244 28.10 11.60 -7.83
N SER A 245 28.76 12.61 -7.28
CA SER A 245 28.29 13.99 -7.32
C SER A 245 27.91 14.34 -8.77
N GLY A 246 26.73 14.91 -8.98
CA GLY A 246 26.27 15.24 -10.33
C GLY A 246 25.48 14.14 -11.04
N ALA A 247 25.57 12.91 -10.55
CA ALA A 247 24.76 11.84 -11.16
C ALA A 247 23.28 12.01 -10.87
N ILE A 248 22.45 11.67 -11.83
CA ILE A 248 20.99 11.79 -11.71
C ILE A 248 20.27 10.46 -11.85
N SER A 249 21.01 9.41 -12.15
CA SER A 249 20.43 8.07 -12.32
C SER A 249 21.48 7.03 -12.00
N GLY A 250 21.01 5.84 -11.65
CA GLY A 250 21.92 4.73 -11.38
C GLY A 250 21.12 3.47 -11.61
N VAL A 251 21.68 2.55 -12.39
CA VAL A 251 20.96 1.36 -12.78
C VAL A 251 21.85 0.13 -12.64
N GLN A 252 21.24 -0.98 -12.22
CA GLN A 252 21.90 -2.28 -12.23
C GLN A 252 21.24 -3.08 -13.39
N LYS A 253 21.98 -3.26 -14.50
CA LYS A 253 21.45 -3.85 -15.74
C LYS A 253 21.22 -5.34 -15.66
N ALA A 254 22.01 -6.00 -14.82
CA ALA A 254 22.01 -7.46 -14.73
C ALA A 254 21.84 -7.90 -13.29
N GLU A 255 21.22 -9.07 -13.12
CA GLU A 255 21.09 -9.68 -11.80
C GLU A 255 22.45 -9.79 -11.08
N ASN A 256 22.52 -9.30 -9.84
CA ASN A 256 23.76 -9.37 -9.06
C ASN A 256 24.92 -8.66 -9.74
N GLY A 257 24.58 -7.75 -10.66
CA GLY A 257 25.59 -7.12 -11.50
C GLY A 257 26.12 -5.80 -10.97
N PRO A 258 27.15 -5.24 -11.63
CA PRO A 258 27.65 -3.93 -11.19
C PRO A 258 26.66 -2.80 -11.50
N ILE A 259 26.89 -1.65 -10.87
CA ILE A 259 26.01 -0.48 -11.04
C ILE A 259 26.57 0.52 -12.02
N ASP A 260 25.72 1.07 -12.87
CA ASP A 260 26.12 2.15 -13.74
C ASP A 260 25.37 3.44 -13.43
N TRP A 261 26.11 4.50 -13.15
CA TRP A 261 25.47 5.79 -12.94
C TRP A 261 25.66 6.72 -14.14
N SER A 262 24.74 7.65 -14.30
CA SER A 262 24.83 8.65 -15.37
C SER A 262 24.51 10.05 -14.84
N GLY A 263 25.14 11.04 -15.41
CA GLY A 263 24.84 12.43 -15.10
C GLY A 263 24.01 13.10 -16.21
N ASP A 264 23.60 12.34 -17.21
CA ASP A 264 22.84 12.91 -18.33
C ASP A 264 21.54 12.19 -18.46
N MET A 265 20.63 12.76 -19.26
CA MET A 265 19.38 12.10 -19.55
C MET A 265 19.69 10.93 -20.47
N PRO A 266 18.80 9.92 -20.50
CA PRO A 266 18.97 8.83 -21.45
C PRO A 266 18.80 9.33 -22.87
N VAL A 267 19.37 8.60 -23.85
CA VAL A 267 19.23 8.93 -25.25
C VAL A 267 17.76 8.88 -25.67
N SER A 268 16.97 8.02 -25.01
CA SER A 268 15.54 7.87 -25.34
C SER A 268 14.64 8.98 -24.81
N CYS A 269 15.19 9.92 -24.05
CA CYS A 269 14.38 10.94 -23.33
C CYS A 269 13.47 11.65 -24.32
N SER A 270 12.17 11.73 -23.99
CA SER A 270 11.15 12.35 -24.83
C SER A 270 11.34 13.87 -25.04
N LEU A 271 12.08 14.52 -24.14
CA LEU A 271 12.23 15.99 -24.14
C LEU A 271 13.20 16.48 -25.22
N SER A 272 13.00 17.71 -25.69
CA SER A 272 13.96 18.29 -26.64
C SER A 272 15.33 18.32 -25.97
N ARG A 273 16.38 18.18 -26.77
CA ARG A 273 17.74 18.17 -26.21
C ARG A 273 18.03 19.49 -25.49
N GLY A 274 17.54 20.62 -26.02
CA GLY A 274 17.73 21.92 -25.34
C GLY A 274 17.18 21.94 -23.91
N LEU A 275 15.99 21.37 -23.73
CA LEU A 275 15.39 21.29 -22.40
C LEU A 275 16.18 20.33 -21.52
N GLN A 276 16.60 19.21 -22.09
CA GLN A 276 17.36 18.22 -21.32
C GLN A 276 18.57 18.87 -20.67
N VAL A 277 19.24 19.72 -21.45
CA VAL A 277 20.45 20.40 -21.00
C VAL A 277 20.21 21.39 -19.85
N LEU A 278 19.04 22.01 -19.83
CA LEU A 278 18.60 22.92 -18.76
C LEU A 278 18.11 22.17 -17.52
N LEU A 279 17.50 21.01 -17.74
CA LEU A 279 16.91 20.20 -16.65
C LEU A 279 17.95 19.47 -15.81
N THR A 280 18.97 18.99 -16.49
CA THR A 280 19.97 18.11 -15.91
C THR A 280 20.68 18.72 -14.66
N PRO A 281 21.12 20.01 -14.74
CA PRO A 281 21.70 20.59 -13.51
C PRO A 281 20.69 20.74 -12.37
N VAL A 282 19.41 20.99 -12.67
CA VAL A 282 18.39 21.08 -11.63
C VAL A 282 18.30 19.77 -10.87
N LEU A 283 18.20 18.67 -11.62
CA LEU A 283 18.15 17.34 -11.07
C LEU A 283 19.41 17.03 -10.30
N ALA A 284 20.57 17.38 -10.86
CA ALA A 284 21.81 17.05 -10.18
C ALA A 284 21.93 17.74 -8.81
N ASN A 285 21.39 18.95 -8.69
CA ASN A 285 21.58 19.74 -7.47
C ASN A 285 20.47 19.52 -6.43
N ILE A 286 19.42 18.81 -6.81
CA ILE A 286 18.39 18.43 -5.82
C ILE A 286 18.42 16.94 -5.48
N LEU A 287 18.97 16.14 -6.39
CA LEU A 287 19.24 14.74 -6.05
C LEU A 287 20.64 14.69 -5.47
N GLU A 288 20.84 15.42 -4.39
CA GLU A 288 22.17 15.53 -3.78
C GLU A 288 21.96 15.38 -2.27
N ALA A 289 22.40 14.25 -1.71
CA ALA A 289 22.17 13.93 -0.31
C ALA A 289 22.93 14.83 0.65
N ASP A 290 24.11 15.28 0.22
CA ASP A 290 24.97 16.07 1.07
C ASP A 290 24.38 17.45 1.26
N GLN A 291 23.96 17.72 2.50
CA GLN A 291 23.30 18.98 2.86
C GLN A 291 24.21 20.18 2.63
N GLU A 292 25.50 19.92 2.44
CA GLU A 292 26.48 20.99 2.22
C GLU A 292 26.51 21.44 0.76
N LYS A 293 25.92 20.64 -0.11
CA LYS A 293 26.07 20.85 -1.54
C LYS A 293 24.73 21.03 -2.25
N CYS A 294 23.67 20.40 -1.73
CA CYS A 294 22.38 20.46 -2.42
C CYS A 294 21.86 21.90 -2.42
N TRP A 295 21.00 22.22 -3.38
CA TRP A 295 20.41 23.56 -3.48
C TRP A 295 19.44 23.83 -2.33
N GLY A 296 19.29 25.11 -2.01
CA GLY A 296 18.16 25.53 -1.18
C GLY A 296 16.93 25.80 -2.03
N PHE A 297 15.84 26.22 -1.39
CA PHE A 297 14.59 26.47 -2.08
C PHE A 297 14.64 27.76 -2.93
N ASP A 298 15.23 28.82 -2.38
CA ASP A 298 15.36 30.08 -3.12
C ASP A 298 15.92 29.82 -4.51
N GLN A 299 17.01 29.06 -4.54
CA GLN A 299 17.71 28.72 -5.76
C GLN A 299 16.94 27.74 -6.64
N PHE A 300 16.29 26.75 -6.03
CA PHE A 300 15.53 25.78 -6.82
C PHE A 300 14.45 26.51 -7.59
N PHE A 301 13.75 27.42 -6.91
CA PHE A 301 12.69 28.19 -7.55
C PHE A 301 13.23 29.17 -8.59
N ALA A 302 14.37 29.80 -8.31
CA ALA A 302 15.00 30.69 -9.27
C ALA A 302 15.39 29.92 -10.52
N GLU A 303 16.07 28.79 -10.33
CA GLU A 303 16.59 28.00 -11.45
C GLU A 303 15.51 27.31 -12.29
N THR A 304 14.42 26.88 -11.66
CA THR A 304 13.31 26.31 -12.44
C THR A 304 12.46 27.40 -13.08
N SER A 305 12.28 28.52 -12.38
CA SER A 305 11.53 29.62 -12.96
C SER A 305 12.22 30.18 -14.19
N ASP A 306 13.54 30.04 -14.28
CA ASP A 306 14.29 30.45 -15.48
C ASP A 306 13.99 29.53 -16.67
N ILE A 307 13.93 28.22 -16.40
CA ILE A 307 13.57 27.26 -17.42
C ILE A 307 12.17 27.54 -17.96
N LEU A 308 11.22 27.82 -17.06
CA LEU A 308 9.85 28.11 -17.48
C LEU A 308 9.71 29.39 -18.32
N HIS A 309 10.77 30.19 -18.40
CA HIS A 309 10.77 31.44 -19.20
C HIS A 309 11.94 31.53 -20.16
N GLY B 2 -11.28 8.46 -18.21
CA GLY B 2 -10.75 7.38 -19.07
C GLY B 2 -11.15 5.97 -18.62
N SER B 3 -11.11 5.06 -19.57
CA SER B 3 -11.50 3.66 -19.39
C SER B 3 -10.45 2.80 -20.05
N GLN B 4 -10.42 1.52 -19.68
CA GLN B 4 -9.62 0.51 -20.38
C GLN B 4 -10.56 -0.63 -20.68
N SER B 5 -10.23 -1.46 -21.66
CA SER B 5 -11.12 -2.57 -21.95
C SER B 5 -10.36 -3.70 -22.57
N THR B 6 -11.02 -4.84 -22.64
CA THR B 6 -10.53 -6.03 -23.34
C THR B 6 -11.60 -6.32 -24.41
N SER B 7 -11.48 -7.44 -25.11
CA SER B 7 -12.53 -7.84 -26.05
C SER B 7 -13.92 -7.77 -25.44
N ASN B 8 -14.10 -8.32 -24.25
CA ASN B 8 -15.46 -8.45 -23.69
C ASN B 8 -15.81 -7.61 -22.50
N HIS B 9 -14.84 -6.91 -21.92
CA HIS B 9 -15.08 -6.20 -20.64
C HIS B 9 -14.54 -4.79 -20.70
N LEU B 10 -15.07 -3.91 -19.85
CA LEU B 10 -14.70 -2.50 -19.85
C LEU B 10 -14.76 -1.98 -18.42
N TRP B 11 -13.82 -1.11 -18.03
CA TRP B 11 -13.84 -0.52 -16.68
C TRP B 11 -13.37 0.95 -16.72
N LEU B 12 -13.93 1.80 -15.86
CA LEU B 12 -13.43 3.16 -15.71
C LEU B 12 -12.23 3.13 -14.75
N LEU B 13 -11.19 3.90 -15.07
CA LEU B 13 -9.99 3.94 -14.23
C LEU B 13 -10.25 4.60 -12.88
N SER B 14 -11.41 5.27 -12.71
CA SER B 14 -11.73 5.81 -11.39
C SER B 14 -12.50 4.82 -10.55
N ASP B 15 -12.89 3.69 -11.11
CA ASP B 15 -13.73 2.76 -10.35
C ASP B 15 -12.87 1.74 -9.65
N ILE B 16 -12.13 2.17 -8.64
CA ILE B 16 -11.14 1.32 -8.01
C ILE B 16 -11.76 0.46 -6.91
N LEU B 17 -11.33 -0.79 -6.82
CA LEU B 17 -11.68 -1.64 -5.68
C LEU B 17 -10.51 -2.01 -4.78
N GLY B 18 -9.26 -1.92 -5.27
CA GLY B 18 -8.11 -2.30 -4.45
C GLY B 18 -6.84 -1.82 -5.17
N GLN B 19 -5.80 -1.52 -4.39
CA GLN B 19 -4.53 -0.90 -4.91
C GLN B 19 -3.37 -1.71 -4.32
N GLY B 20 -2.32 -2.01 -5.11
CA GLY B 20 -1.19 -2.80 -4.57
C GLY B 20 0.12 -2.49 -5.29
N ALA B 21 1.21 -3.21 -4.95
CA ALA B 21 2.56 -2.94 -5.48
C ALA B 21 2.72 -3.25 -6.97
N THR B 22 1.90 -4.17 -7.45
CA THR B 22 2.07 -4.73 -8.75
C THR B 22 0.79 -4.59 -9.58
N ALA B 23 -0.34 -4.28 -8.94
CA ALA B 23 -1.61 -4.25 -9.69
C ALA B 23 -2.68 -3.45 -8.94
N ASN B 24 -3.74 -3.06 -9.68
CA ASN B 24 -4.93 -2.50 -9.06
C ASN B 24 -6.10 -3.34 -9.50
N VAL B 25 -7.20 -3.27 -8.76
CA VAL B 25 -8.40 -4.04 -9.06
C VAL B 25 -9.48 -2.99 -9.27
N PHE B 26 -10.24 -3.15 -10.35
CA PHE B 26 -11.27 -2.20 -10.75
C PHE B 26 -12.65 -2.89 -10.74
N ARG B 27 -13.72 -2.12 -10.54
CA ARG B 27 -15.05 -2.66 -10.74
C ARG B 27 -15.32 -2.43 -12.23
N GLY B 28 -15.62 -3.49 -12.97
CA GLY B 28 -15.81 -3.30 -14.43
C GLY B 28 -17.09 -4.03 -14.82
N ARG B 29 -17.38 -4.06 -16.12
CA ARG B 29 -18.59 -4.71 -16.61
C ARG B 29 -18.30 -5.55 -17.86
N HIS B 30 -19.09 -6.59 -18.05
CA HIS B 30 -19.15 -7.27 -19.34
C HIS B 30 -19.85 -6.30 -20.33
N LYS B 31 -19.29 -6.11 -21.53
CA LYS B 31 -19.80 -5.04 -22.41
C LYS B 31 -21.22 -5.33 -22.87
N LYS B 32 -21.52 -6.59 -23.13
CA LYS B 32 -22.82 -6.90 -23.70
C LYS B 32 -23.92 -6.98 -22.61
N THR B 33 -23.64 -7.70 -21.53
CA THR B 33 -24.67 -7.91 -20.50
C THR B 33 -24.74 -6.81 -19.44
N GLY B 34 -23.66 -6.07 -19.27
CA GLY B 34 -23.59 -5.10 -18.19
C GLY B 34 -23.29 -5.73 -16.84
N ASP B 35 -23.07 -7.04 -16.80
CA ASP B 35 -22.87 -7.71 -15.50
C ASP B 35 -21.55 -7.22 -14.89
N LEU B 36 -21.49 -7.12 -13.56
CA LEU B 36 -20.33 -6.52 -12.88
C LEU B 36 -19.26 -7.54 -12.52
N PHE B 37 -17.99 -7.14 -12.64
CA PHE B 37 -16.86 -8.01 -12.34
C PHE B 37 -15.75 -7.21 -11.70
N ALA B 38 -14.89 -7.88 -10.95
CA ALA B 38 -13.70 -7.21 -10.45
C ALA B 38 -12.56 -7.58 -11.40
N ILE B 39 -11.83 -6.56 -11.86
CA ILE B 39 -10.81 -6.80 -12.87
C ILE B 39 -9.45 -6.39 -12.37
N LYS B 40 -8.52 -7.35 -12.31
CA LYS B 40 -7.19 -7.10 -11.77
C LYS B 40 -6.25 -6.79 -12.92
N VAL B 41 -5.58 -5.63 -12.86
CA VAL B 41 -4.78 -5.11 -13.98
C VAL B 41 -3.37 -4.77 -13.48
N PHE B 42 -2.35 -5.34 -14.13
CA PHE B 42 -0.98 -5.24 -13.62
C PHE B 42 -0.35 -3.92 -14.06
N ASN B 43 0.40 -3.30 -13.15
CA ASN B 43 1.08 -2.05 -13.45
C ASN B 43 2.39 -2.31 -14.19
N ASN B 44 3.02 -1.23 -14.68
CA ASN B 44 4.27 -1.39 -15.45
C ASN B 44 5.41 -2.06 -14.66
N ILE B 45 5.58 -1.66 -13.40
CA ILE B 45 6.76 -2.11 -12.61
C ILE B 45 6.64 -3.63 -12.38
N SER B 46 5.40 -4.14 -12.38
CA SER B 46 5.22 -5.59 -12.16
C SER B 46 5.95 -6.43 -13.21
N PHE B 47 6.25 -5.86 -14.38
CA PHE B 47 6.84 -6.64 -15.46
C PHE B 47 8.35 -6.78 -15.31
N LEU B 48 8.89 -6.24 -14.23
CA LEU B 48 10.30 -6.43 -13.89
C LEU B 48 10.52 -7.81 -13.25
N ARG B 49 9.43 -8.43 -12.82
CA ARG B 49 9.51 -9.77 -12.21
C ARG B 49 9.84 -10.80 -13.29
N PRO B 50 10.51 -11.91 -12.92
CA PRO B 50 10.76 -12.95 -13.93
C PRO B 50 9.43 -13.44 -14.54
N VAL B 51 9.46 -13.95 -15.76
CA VAL B 51 8.22 -14.31 -16.44
C VAL B 51 7.49 -15.46 -15.72
N ASP B 52 8.26 -16.44 -15.24
CA ASP B 52 7.68 -17.56 -14.54
C ASP B 52 6.94 -17.10 -13.30
N VAL B 53 7.48 -16.10 -12.61
CA VAL B 53 6.78 -15.50 -11.47
C VAL B 53 5.51 -14.79 -11.89
N GLN B 54 5.56 -14.00 -12.96
CA GLN B 54 4.34 -13.32 -13.41
C GLN B 54 3.21 -14.30 -13.72
N MET B 55 3.57 -15.44 -14.33
CA MET B 55 2.55 -16.44 -14.74
C MET B 55 1.89 -17.19 -13.58
N ARG B 56 2.53 -17.19 -12.41
CA ARG B 56 2.01 -17.96 -11.27
C ARG B 56 0.54 -17.67 -10.97
N GLU B 57 0.19 -16.39 -10.83
CA GLU B 57 -1.15 -16.10 -10.36
C GLU B 57 -2.17 -16.66 -11.34
N PHE B 58 -1.86 -16.56 -12.62
CA PHE B 58 -2.73 -17.03 -13.69
C PHE B 58 -2.89 -18.54 -13.61
N GLU B 59 -1.75 -19.24 -13.49
CA GLU B 59 -1.76 -20.71 -13.37
C GLU B 59 -2.51 -21.18 -12.10
N VAL B 60 -2.32 -20.45 -11.00
CA VAL B 60 -2.94 -20.81 -9.72
C VAL B 60 -4.45 -20.66 -9.81
N LEU B 61 -4.89 -19.50 -10.31
CA LEU B 61 -6.34 -19.24 -10.32
C LEU B 61 -7.06 -20.18 -11.28
N LYS B 62 -6.40 -20.58 -12.36
CA LYS B 62 -7.00 -21.53 -13.30
C LYS B 62 -7.31 -22.90 -12.68
N LYS B 63 -6.55 -23.28 -11.65
CA LYS B 63 -6.74 -24.57 -10.96
C LYS B 63 -7.88 -24.58 -9.96
N LEU B 64 -8.17 -23.42 -9.37
CA LEU B 64 -9.08 -23.36 -8.23
C LEU B 64 -10.55 -23.16 -8.62
N ASN B 65 -11.44 -23.78 -7.86
CA ASN B 65 -12.87 -23.67 -8.08
C ASN B 65 -13.60 -24.12 -6.83
N HIS B 66 -14.03 -23.17 -5.99
CA HIS B 66 -14.58 -23.53 -4.68
C HIS B 66 -15.35 -22.36 -4.09
N LYS B 67 -16.29 -22.68 -3.21
CA LYS B 67 -17.16 -21.67 -2.61
C LYS B 67 -16.41 -20.65 -1.74
N ASN B 68 -15.21 -20.99 -1.30
CA ASN B 68 -14.50 -20.10 -0.39
C ASN B 68 -13.30 -19.48 -1.07
N ILE B 69 -13.37 -19.48 -2.41
CA ILE B 69 -12.37 -18.79 -3.24
C ILE B 69 -13.12 -17.88 -4.24
N VAL B 70 -12.73 -16.61 -4.30
CA VAL B 70 -13.34 -15.69 -5.26
C VAL B 70 -13.15 -16.25 -6.69
N LYS B 71 -14.23 -16.34 -7.44
CA LYS B 71 -14.18 -17.03 -8.73
C LYS B 71 -13.44 -16.27 -9.85
N LEU B 72 -12.62 -17.00 -10.61
CA LEU B 72 -12.06 -16.47 -11.84
C LEU B 72 -13.01 -16.77 -12.99
N PHE B 73 -13.48 -15.72 -13.67
CA PHE B 73 -14.35 -15.86 -14.84
C PHE B 73 -13.61 -15.93 -16.16
N ALA B 74 -12.61 -15.06 -16.36
CA ALA B 74 -11.95 -14.98 -17.65
C ALA B 74 -10.56 -14.37 -17.51
N ILE B 75 -9.70 -14.72 -18.46
CA ILE B 75 -8.45 -14.03 -18.68
C ILE B 75 -8.52 -13.44 -20.09
N GLU B 76 -8.36 -12.14 -20.19
CA GLU B 76 -8.44 -11.43 -21.49
C GLU B 76 -7.33 -10.41 -21.58
N GLU B 77 -7.10 -9.88 -22.78
CA GLU B 77 -6.03 -8.93 -23.02
C GLU B 77 -6.51 -7.49 -23.07
N GLU B 78 -5.91 -6.62 -22.27
CA GLU B 78 -6.25 -5.23 -22.31
C GLU B 78 -5.64 -4.63 -23.59
N THR B 79 -6.35 -3.71 -24.23
CA THR B 79 -5.95 -3.30 -25.57
C THR B 79 -4.72 -2.40 -25.72
N THR B 80 -4.53 -1.46 -24.81
CA THR B 80 -3.45 -0.48 -25.03
C THR B 80 -2.08 -1.07 -24.72
N THR B 81 -2.07 -2.06 -23.83
CA THR B 81 -0.81 -2.69 -23.40
C THR B 81 -0.65 -4.11 -23.92
N ARG B 82 -1.74 -4.73 -24.32
CA ARG B 82 -1.81 -6.16 -24.62
C ARG B 82 -1.45 -7.08 -23.42
N HIS B 83 -1.50 -6.54 -22.20
CA HIS B 83 -1.28 -7.35 -21.01
C HIS B 83 -2.56 -8.13 -20.69
N LYS B 84 -2.41 -9.37 -20.24
CA LYS B 84 -3.53 -10.10 -19.67
C LYS B 84 -4.02 -9.49 -18.35
N VAL B 85 -5.33 -9.48 -18.22
CA VAL B 85 -6.00 -9.10 -16.96
C VAL B 85 -6.79 -10.26 -16.41
N LEU B 86 -7.06 -10.24 -15.10
CA LEU B 86 -7.88 -11.27 -14.48
C LEU B 86 -9.28 -10.75 -14.23
N ILE B 87 -10.26 -11.44 -14.77
CA ILE B 87 -11.64 -11.04 -14.61
C ILE B 87 -12.28 -11.95 -13.55
N MET B 88 -12.57 -11.36 -12.39
CA MET B 88 -13.05 -12.11 -11.21
C MET B 88 -14.46 -11.73 -10.79
N GLU B 89 -15.05 -12.60 -9.98
CA GLU B 89 -16.26 -12.32 -9.25
C GLU B 89 -16.16 -10.99 -8.49
N PHE B 90 -17.14 -10.14 -8.68
CA PHE B 90 -17.27 -8.92 -7.85
C PHE B 90 -18.03 -9.20 -6.55
N CYS B 91 -17.47 -8.80 -5.43
CA CYS B 91 -18.14 -9.01 -4.12
C CYS B 91 -18.49 -7.63 -3.58
N PRO B 92 -19.76 -7.21 -3.77
CA PRO B 92 -20.16 -5.83 -3.51
C PRO B 92 -19.98 -5.46 -2.03
N CYS B 93 -20.08 -6.45 -1.13
CA CYS B 93 -19.91 -6.25 0.32
C CYS B 93 -18.49 -5.91 0.78
N GLY B 94 -17.49 -6.19 -0.06
CA GLY B 94 -16.11 -5.90 0.32
C GLY B 94 -15.50 -6.92 1.29
N SER B 95 -14.54 -6.49 2.11
CA SER B 95 -13.65 -7.42 2.85
C SER B 95 -13.98 -7.59 4.33
N LEU B 96 -13.41 -8.61 4.93
CA LEU B 96 -13.48 -8.82 6.36
C LEU B 96 -12.75 -7.69 7.10
N TYR B 97 -11.71 -7.13 6.48
CA TYR B 97 -11.07 -5.94 7.07
C TYR B 97 -12.12 -4.82 7.33
N THR B 98 -13.00 -4.57 6.37
CA THR B 98 -14.01 -3.51 6.55
C THR B 98 -15.01 -3.84 7.65
N VAL B 99 -15.39 -5.12 7.74
CA VAL B 99 -16.22 -5.63 8.84
C VAL B 99 -15.53 -5.34 10.17
N LEU B 100 -14.24 -5.67 10.23
CA LEU B 100 -13.52 -5.52 11.49
C LEU B 100 -13.28 -4.06 11.90
N GLU B 101 -13.36 -3.12 10.95
CA GLU B 101 -13.24 -1.69 11.28
C GLU B 101 -14.49 -1.16 12.03
N GLU B 102 -15.62 -1.82 11.85
CA GLU B 102 -16.89 -1.30 12.39
C GLU B 102 -16.82 -1.25 13.93
N PRO B 103 -17.35 -0.18 14.53
CA PRO B 103 -17.25 -0.04 15.97
C PRO B 103 -17.86 -1.21 16.73
N SER B 104 -18.96 -1.79 16.23
CA SER B 104 -19.62 -2.93 16.94
C SER B 104 -18.70 -4.13 17.05
N ASN B 105 -17.65 -4.18 16.22
CA ASN B 105 -16.69 -5.28 16.29
C ASN B 105 -15.40 -4.92 17.02
N ALA B 106 -15.40 -3.84 17.77
CA ALA B 106 -14.17 -3.37 18.42
C ALA B 106 -13.54 -4.39 19.36
N TYR B 107 -14.35 -5.32 19.91
CA TYR B 107 -13.86 -6.34 20.83
C TYR B 107 -14.01 -7.74 20.23
N GLY B 108 -14.25 -7.79 18.91
CA GLY B 108 -14.39 -9.07 18.22
C GLY B 108 -15.75 -9.22 17.56
N LEU B 109 -15.82 -10.12 16.59
CA LEU B 109 -17.09 -10.39 15.88
C LEU B 109 -18.05 -11.11 16.81
N PRO B 110 -19.35 -11.02 16.49
CA PRO B 110 -20.35 -11.86 17.16
C PRO B 110 -19.97 -13.30 16.90
N GLU B 111 -20.14 -14.14 17.91
CA GLU B 111 -19.80 -15.54 17.75
C GLU B 111 -20.35 -16.20 16.47
N SER B 112 -21.58 -15.86 16.08
CA SER B 112 -22.18 -16.52 14.91
C SER B 112 -21.36 -16.14 13.65
N GLU B 113 -20.91 -14.90 13.59
CA GLU B 113 -20.09 -14.48 12.45
C GLU B 113 -18.67 -15.05 12.50
N PHE B 114 -18.09 -15.11 13.68
CA PHE B 114 -16.74 -15.61 13.81
C PHE B 114 -16.74 -17.08 13.32
N LEU B 115 -17.79 -17.83 13.68
CA LEU B 115 -17.84 -19.26 13.30
C LEU B 115 -17.94 -19.43 11.79
N ILE B 116 -18.61 -18.48 11.14
CA ILE B 116 -18.68 -18.47 9.67
C ILE B 116 -17.30 -18.22 9.07
N VAL B 117 -16.60 -17.20 9.58
CA VAL B 117 -15.21 -16.92 9.16
C VAL B 117 -14.30 -18.17 9.32
N LEU B 118 -14.39 -18.83 10.49
CA LEU B 118 -13.69 -20.05 10.74
C LEU B 118 -13.98 -21.12 9.68
N ARG B 119 -15.25 -21.42 9.45
CA ARG B 119 -15.68 -22.42 8.46
C ARG B 119 -15.12 -22.09 7.09
N ASP B 120 -15.17 -20.81 6.71
CA ASP B 120 -14.86 -20.43 5.33
C ASP B 120 -13.36 -20.27 5.05
N VAL B 121 -12.60 -19.79 6.02
CA VAL B 121 -11.16 -19.67 5.83
C VAL B 121 -10.61 -21.09 5.83
N VAL B 122 -11.15 -21.95 6.69
CA VAL B 122 -10.72 -23.34 6.65
C VAL B 122 -11.05 -24.02 5.32
N GLY B 123 -12.24 -23.78 4.82
CA GLY B 123 -12.65 -24.36 3.57
C GLY B 123 -11.79 -23.88 2.42
N GLY B 124 -11.47 -22.58 2.40
CA GLY B 124 -10.61 -22.04 1.31
C GLY B 124 -9.19 -22.57 1.45
N MET B 125 -8.66 -22.56 2.67
CA MET B 125 -7.27 -23.02 2.83
C MET B 125 -7.16 -24.51 2.50
N ASN B 126 -8.16 -25.28 2.87
CA ASN B 126 -8.18 -26.70 2.49
C ASN B 126 -8.22 -26.89 0.97
N HIS B 127 -8.98 -26.03 0.28
CA HIS B 127 -9.05 -26.15 -1.16
C HIS B 127 -7.68 -25.86 -1.79
N LEU B 128 -6.98 -24.87 -1.24
CA LEU B 128 -5.64 -24.52 -1.74
C LEU B 128 -4.69 -25.69 -1.51
N ARG B 129 -4.71 -26.25 -0.31
CA ARG B 129 -3.74 -27.34 -0.04
C ARG B 129 -4.01 -28.57 -0.89
N GLU B 130 -5.29 -28.89 -1.10
CA GLU B 130 -5.66 -29.98 -1.99
C GLU B 130 -5.13 -29.83 -3.40
N ASN B 131 -4.89 -28.59 -3.79
CA ASN B 131 -4.39 -28.25 -5.13
C ASN B 131 -2.93 -27.84 -5.12
N GLY B 132 -2.23 -28.11 -4.00
CA GLY B 132 -0.80 -27.78 -3.89
C GLY B 132 -0.41 -26.30 -3.89
N ILE B 133 -1.33 -25.43 -3.47
CA ILE B 133 -1.14 -23.99 -3.53
C ILE B 133 -0.84 -23.37 -2.15
N VAL B 134 0.13 -22.46 -2.08
CA VAL B 134 0.30 -21.63 -0.89
C VAL B 134 -0.08 -20.18 -1.28
N HIS B 135 -0.65 -19.43 -0.37
CA HIS B 135 -1.19 -18.08 -0.68
C HIS B 135 -0.16 -16.99 -0.36
N ARG B 136 0.36 -17.02 0.86
CA ARG B 136 1.47 -16.16 1.28
C ARG B 136 1.12 -14.69 1.54
N ASN B 137 -0.15 -14.34 1.62
CA ASN B 137 -0.54 -13.00 2.05
C ASN B 137 -1.96 -12.98 2.58
N ILE B 138 -2.35 -14.00 3.36
CA ILE B 138 -3.73 -14.08 3.88
C ILE B 138 -3.93 -13.06 4.98
N LYS B 139 -5.01 -12.27 4.90
CA LYS B 139 -5.33 -11.30 5.94
C LYS B 139 -6.76 -10.82 5.71
N PRO B 140 -7.37 -10.12 6.67
CA PRO B 140 -8.74 -9.70 6.47
C PRO B 140 -8.99 -8.91 5.19
N GLY B 141 -8.04 -8.07 4.79
CA GLY B 141 -8.13 -7.30 3.57
C GLY B 141 -8.33 -8.11 2.29
N ASN B 142 -7.94 -9.39 2.23
CA ASN B 142 -8.23 -10.18 1.03
C ASN B 142 -9.13 -11.40 1.30
N ILE B 143 -9.91 -11.30 2.37
CA ILE B 143 -10.96 -12.30 2.60
C ILE B 143 -12.26 -11.58 2.31
N MET B 144 -12.95 -11.95 1.25
CA MET B 144 -14.09 -11.15 0.81
C MET B 144 -15.38 -11.74 1.39
N ARG B 145 -16.34 -10.86 1.67
CA ARG B 145 -17.66 -11.27 2.22
C ARG B 145 -18.68 -11.22 1.10
N VAL B 146 -19.47 -12.28 0.99
CA VAL B 146 -20.57 -12.37 0.01
C VAL B 146 -21.82 -12.78 0.79
N ILE B 147 -22.98 -12.29 0.39
CA ILE B 147 -24.23 -12.70 1.03
C ILE B 147 -24.80 -13.92 0.34
N GLY B 148 -24.93 -15.02 1.07
CA GLY B 148 -25.41 -16.27 0.49
C GLY B 148 -26.92 -16.25 0.33
N GLU B 149 -27.46 -17.29 -0.30
CA GLU B 149 -28.92 -17.39 -0.54
C GLU B 149 -29.73 -17.10 0.70
N ASP B 150 -29.30 -17.67 1.82
CA ASP B 150 -30.06 -17.60 3.07
C ASP B 150 -29.80 -16.33 3.85
N GLY B 151 -29.10 -15.37 3.24
CA GLY B 151 -28.87 -14.08 3.89
C GLY B 151 -27.65 -14.05 4.80
N GLN B 152 -27.02 -15.20 4.99
CA GLN B 152 -25.86 -15.28 5.89
C GLN B 152 -24.56 -15.09 5.12
N SER B 153 -23.52 -14.59 5.78
CA SER B 153 -22.23 -14.36 5.09
C SER B 153 -21.59 -15.65 4.58
N VAL B 154 -20.87 -15.53 3.47
CA VAL B 154 -19.92 -16.56 3.05
C VAL B 154 -18.64 -15.79 2.74
N TYR B 155 -17.51 -16.24 3.28
CA TYR B 155 -16.24 -15.54 3.02
C TYR B 155 -15.40 -16.32 2.01
N LYS B 156 -14.60 -15.59 1.24
CA LYS B 156 -13.87 -16.14 0.12
C LYS B 156 -12.49 -15.50 0.04
N LEU B 157 -11.49 -16.33 -0.16
CA LEU B 157 -10.12 -15.85 -0.29
C LEU B 157 -9.88 -15.23 -1.64
N THR B 158 -9.06 -14.19 -1.67
CA THR B 158 -8.61 -13.65 -2.94
C THR B 158 -7.23 -13.05 -2.80
N ASP B 159 -6.81 -12.33 -3.84
CA ASP B 159 -5.45 -11.79 -3.96
C ASP B 159 -4.37 -12.83 -3.94
N PHE B 160 -4.22 -13.51 -5.07
CA PHE B 160 -3.23 -14.58 -5.23
C PHE B 160 -1.94 -14.08 -5.86
N GLY B 161 -1.70 -12.79 -5.69
CA GLY B 161 -0.50 -12.15 -6.23
C GLY B 161 0.82 -12.70 -5.72
N ALA B 162 0.79 -13.29 -4.53
CA ALA B 162 1.99 -13.92 -3.95
C ALA B 162 1.93 -15.43 -3.98
N ALA B 163 0.86 -15.99 -4.54
CA ALA B 163 0.63 -17.42 -4.43
C ALA B 163 1.55 -18.24 -5.37
N ARG B 164 1.81 -19.47 -4.99
CA ARG B 164 2.57 -20.33 -5.89
C ARG B 164 2.22 -21.78 -5.60
N GLU B 165 2.56 -22.66 -6.53
CA GLU B 165 2.49 -24.10 -6.26
C GLU B 165 3.68 -24.53 -5.38
N LEU B 166 3.37 -25.24 -4.28
CA LEU B 166 4.36 -25.61 -3.27
C LEU B 166 3.83 -26.80 -2.48
N GLU B 167 4.51 -27.94 -2.62
CA GLU B 167 4.13 -29.15 -1.89
C GLU B 167 4.60 -29.08 -0.44
N ASP B 168 4.06 -29.95 0.42
CA ASP B 168 4.45 -29.96 1.84
C ASP B 168 5.96 -30.06 1.98
N ASP B 169 6.58 -30.82 1.09
CA ASP B 169 8.00 -31.07 1.19
C ASP B 169 8.88 -30.08 0.42
N GLU B 170 8.32 -28.93 0.04
CA GLU B 170 9.07 -27.93 -0.72
C GLU B 170 9.28 -26.65 0.08
N GLN B 171 10.39 -25.96 -0.14
CA GLN B 171 10.67 -24.75 0.61
C GLN B 171 10.97 -23.62 -0.35
N PHE B 172 10.95 -22.38 0.15
CA PHE B 172 11.29 -21.22 -0.68
C PHE B 172 12.07 -20.20 0.14
N VAL B 173 12.71 -19.23 -0.53
CA VAL B 173 13.47 -18.21 0.15
C VAL B 173 12.99 -16.79 -0.25
N LEU B 175 10.36 -13.59 -0.67
CA LEU B 175 9.67 -12.87 0.40
C LEU B 175 8.36 -12.23 -0.10
N TYR B 176 7.28 -12.44 0.67
CA TYR B 176 5.91 -11.93 0.37
C TYR B 176 5.22 -11.73 1.71
N GLY B 177 4.12 -10.98 1.72
CA GLY B 177 3.24 -10.92 2.88
C GLY B 177 3.05 -9.53 3.43
N THR B 178 2.46 -9.45 4.61
CA THR B 178 2.08 -8.18 5.24
C THR B 178 2.59 -8.26 6.67
N GLU B 179 3.33 -7.25 7.11
CA GLU B 179 4.16 -7.38 8.32
C GLU B 179 3.38 -7.88 9.54
N GLU B 180 2.16 -7.36 9.74
CA GLU B 180 1.37 -7.68 10.93
C GLU B 180 0.95 -9.15 11.00
N TYR B 181 0.96 -9.82 9.84
CA TYR B 181 0.47 -11.20 9.69
C TYR B 181 1.58 -12.15 9.28
N LEU B 182 2.83 -11.73 9.38
CA LEU B 182 3.93 -12.43 8.75
C LEU B 182 4.69 -13.35 9.70
N HIS B 183 4.89 -14.60 9.28
CA HIS B 183 5.63 -15.57 10.06
C HIS B 183 7.00 -14.99 10.48
N PRO B 184 7.38 -15.16 11.76
CA PRO B 184 8.62 -14.56 12.27
C PRO B 184 9.89 -14.78 11.42
N ASP B 185 10.06 -15.97 10.85
CA ASP B 185 11.27 -16.23 10.05
C ASP B 185 11.30 -15.32 8.80
N MET B 186 10.15 -15.08 8.22
CA MET B 186 10.09 -14.19 7.07
C MET B 186 10.21 -12.74 7.49
N TYR B 187 9.64 -12.40 8.64
CA TYR B 187 9.66 -11.04 9.14
C TYR B 187 11.09 -10.64 9.42
N GLU B 188 11.85 -11.59 9.96
CA GLU B 188 13.23 -11.37 10.31
C GLU B 188 14.04 -10.88 9.10
N ARG B 189 13.85 -11.53 7.97
CA ARG B 189 14.60 -11.21 6.76
C ARG B 189 13.95 -10.07 5.97
N ALA B 190 12.63 -10.12 5.77
CA ALA B 190 11.96 -9.12 4.92
C ALA B 190 11.84 -7.75 5.59
N VAL B 191 11.63 -7.74 6.89
CA VAL B 191 11.35 -6.49 7.57
C VAL B 191 12.56 -5.98 8.35
N LEU B 192 13.18 -6.87 9.12
CA LEU B 192 14.42 -6.52 9.81
C LEU B 192 15.70 -6.68 8.98
N ARG B 193 15.60 -7.33 7.82
CA ARG B 193 16.74 -7.56 6.93
C ARG B 193 17.91 -8.27 7.60
N LYS B 194 17.61 -9.02 8.65
CA LYS B 194 18.60 -9.92 9.23
C LYS B 194 18.54 -11.22 8.42
N ASP B 195 19.67 -11.65 7.86
CA ASP B 195 19.65 -12.89 7.08
C ASP B 195 20.32 -14.04 7.81
N HIS B 196 19.53 -15.04 8.17
CA HIS B 196 20.05 -16.20 8.89
C HIS B 196 19.93 -17.49 8.08
N GLN B 197 20.01 -17.36 6.76
CA GLN B 197 19.94 -18.52 5.85
C GLN B 197 18.81 -19.48 6.26
N LYS B 198 17.60 -18.95 6.40
CA LYS B 198 16.47 -19.80 6.71
C LYS B 198 15.68 -20.06 5.44
N LYS B 199 14.89 -21.12 5.46
CA LYS B 199 14.01 -21.43 4.35
C LYS B 199 12.59 -21.51 4.88
N TYR B 200 11.62 -21.12 4.07
CA TYR B 200 10.23 -21.06 4.51
C TYR B 200 9.40 -22.15 3.83
N GLY B 201 8.30 -22.56 4.47
CA GLY B 201 7.41 -23.59 3.91
C GLY B 201 5.97 -23.14 3.80
N ALA B 202 5.09 -24.03 3.33
CA ALA B 202 3.67 -23.67 3.13
C ALA B 202 2.98 -23.27 4.41
N THR B 203 3.47 -23.79 5.55
CA THR B 203 2.86 -23.42 6.82
C THR B 203 2.97 -21.96 7.20
N VAL B 204 3.67 -21.13 6.43
CA VAL B 204 3.54 -19.68 6.69
C VAL B 204 2.07 -19.22 6.64
N ASP B 205 1.25 -19.90 5.84
CA ASP B 205 -0.17 -19.50 5.74
C ASP B 205 -0.87 -19.80 7.05
N LEU B 206 -0.43 -20.81 7.79
CA LEU B 206 -1.05 -21.06 9.10
C LEU B 206 -0.82 -19.92 10.09
N TRP B 207 0.33 -19.26 10.03
CA TRP B 207 0.63 -18.18 10.96
C TRP B 207 -0.27 -16.98 10.65
N SER B 208 -0.33 -16.60 9.37
CA SER B 208 -1.23 -15.51 8.99
C SER B 208 -2.71 -15.79 9.33
N ILE B 209 -3.13 -17.04 9.15
CA ILE B 209 -4.51 -17.45 9.52
C ILE B 209 -4.72 -17.34 11.03
N GLY B 210 -3.74 -17.81 11.82
CA GLY B 210 -3.79 -17.63 13.28
C GLY B 210 -3.94 -16.16 13.69
N VAL B 211 -3.17 -15.27 13.06
CA VAL B 211 -3.24 -13.84 13.40
C VAL B 211 -4.60 -13.28 13.00
N THR B 212 -5.04 -13.68 11.80
CA THR B 212 -6.38 -13.30 11.27
C THR B 212 -7.52 -13.75 12.20
N PHE B 213 -7.48 -15.01 12.66
CA PHE B 213 -8.47 -15.50 13.62
C PHE B 213 -8.42 -14.75 14.95
N TYR B 214 -7.21 -14.49 15.48
CA TYR B 214 -7.09 -13.73 16.74
C TYR B 214 -7.76 -12.36 16.56
N HIS B 215 -7.42 -11.70 15.44
CA HIS B 215 -8.00 -10.39 15.10
C HIS B 215 -9.52 -10.44 15.03
N ALA B 216 -10.07 -11.47 14.35
CA ALA B 216 -11.52 -11.58 14.23
C ALA B 216 -12.17 -11.85 15.58
N ALA B 217 -11.48 -12.57 16.46
CA ALA B 217 -12.04 -12.97 17.77
C ALA B 217 -11.98 -11.85 18.83
N THR B 218 -11.09 -10.88 18.66
CA THR B 218 -10.84 -9.91 19.72
C THR B 218 -10.96 -8.47 19.27
N GLY B 219 -10.99 -8.26 17.95
CA GLY B 219 -11.01 -6.94 17.38
C GLY B 219 -9.63 -6.29 17.33
N SER B 220 -8.60 -7.01 17.75
CA SER B 220 -7.24 -6.47 17.77
C SER B 220 -6.21 -7.48 17.26
N LEU B 221 -5.09 -6.98 16.75
CA LEU B 221 -3.95 -7.86 16.42
C LEU B 221 -3.34 -8.45 17.67
N PRO B 222 -2.77 -9.66 17.55
CA PRO B 222 -2.22 -10.35 18.72
C PRO B 222 -0.87 -9.81 19.17
N PHE B 223 -0.10 -9.25 18.25
CA PHE B 223 1.26 -8.80 18.52
C PHE B 223 1.38 -7.33 18.22
N ARG B 224 1.57 -6.55 19.28
CA ARG B 224 1.24 -5.13 19.26
C ARG B 224 2.25 -4.32 20.10
N PRO B 225 3.26 -3.69 19.44
CA PRO B 225 4.05 -2.69 20.16
C PRO B 225 3.17 -1.47 20.50
N PHE B 226 3.68 -0.58 21.34
CA PHE B 226 2.90 0.59 21.77
C PHE B 226 2.37 1.43 20.61
N GLU B 227 3.21 1.59 19.58
CA GLU B 227 2.88 2.44 18.43
C GLU B 227 2.14 1.70 17.31
N GLY B 228 1.87 0.41 17.52
CA GLY B 228 1.39 -0.45 16.44
C GLY B 228 2.60 -1.09 15.76
N PRO B 229 2.38 -2.23 15.10
CA PRO B 229 3.45 -3.02 14.48
C PRO B 229 4.32 -2.21 13.50
N ARG B 230 3.71 -1.43 12.62
CA ARG B 230 4.49 -0.77 11.59
C ARG B 230 5.38 0.33 12.11
N ARG B 231 4.96 0.94 13.22
CA ARG B 231 5.67 2.09 13.78
C ARG B 231 6.74 1.74 14.79
N ASN B 232 6.91 0.45 15.05
CA ASN B 232 8.00 -0.01 15.91
C ASN B 232 8.41 -1.44 15.60
N LYS B 233 9.14 -1.61 14.50
CA LYS B 233 9.48 -2.94 13.98
C LYS B 233 10.40 -3.77 14.88
N GLU B 234 11.34 -3.12 15.54
CA GLU B 234 12.23 -3.82 16.46
C GLU B 234 11.48 -4.51 17.61
N VAL B 235 10.56 -3.79 18.25
CA VAL B 235 9.77 -4.36 19.32
C VAL B 235 8.84 -5.43 18.78
N MET B 236 8.33 -5.22 17.57
CA MET B 236 7.46 -6.20 16.94
C MET B 236 8.22 -7.53 16.81
N TYR B 237 9.46 -7.44 16.36
CA TYR B 237 10.29 -8.63 16.22
C TYR B 237 10.55 -9.29 17.58
N LYS B 238 10.83 -8.47 18.60
CA LYS B 238 11.02 -9.00 19.94
C LYS B 238 9.78 -9.75 20.37
N ILE B 239 8.61 -9.18 20.07
CA ILE B 239 7.35 -9.80 20.49
C ILE B 239 7.16 -11.18 19.84
N ILE B 240 7.27 -11.23 18.52
CA ILE B 240 6.92 -12.45 17.78
C ILE B 240 7.95 -13.58 17.94
N THR B 241 9.21 -13.22 18.15
CA THR B 241 10.27 -14.23 18.40
C THR B 241 10.48 -14.55 19.88
N GLY B 242 10.18 -13.60 20.75
CA GLY B 242 10.45 -13.78 22.17
C GLY B 242 9.32 -14.37 22.99
N LYS B 243 8.19 -14.68 22.35
CA LYS B 243 7.02 -15.20 23.10
C LYS B 243 7.24 -16.65 23.53
N PRO B 244 6.74 -16.99 24.72
CA PRO B 244 6.85 -18.40 25.13
C PRO B 244 5.97 -19.31 24.26
N SER B 245 6.33 -20.58 24.16
CA SER B 245 5.45 -21.54 23.51
C SER B 245 4.11 -21.47 24.24
N GLY B 246 3.02 -21.59 23.49
CA GLY B 246 1.71 -21.47 24.09
C GLY B 246 1.14 -20.05 24.07
N ALA B 247 2.00 -19.04 24.01
CA ALA B 247 1.51 -17.67 23.98
C ALA B 247 0.85 -17.38 22.64
N ILE B 248 -0.26 -16.65 22.66
CA ILE B 248 -0.96 -16.30 21.44
C ILE B 248 -1.03 -14.79 21.25
N SER B 249 -0.47 -14.03 22.19
CA SER B 249 -0.46 -12.57 22.07
C SER B 249 0.71 -11.99 22.85
N GLY B 250 1.15 -10.80 22.44
CA GLY B 250 2.23 -10.10 23.11
C GLY B 250 1.96 -8.62 22.90
N VAL B 251 1.79 -7.89 23.99
CA VAL B 251 1.43 -6.49 23.93
C VAL B 251 2.35 -5.61 24.78
N GLN B 252 2.82 -4.51 24.20
CA GLN B 252 3.58 -3.51 24.92
C GLN B 252 2.62 -2.38 25.27
N LYS B 253 2.39 -2.24 26.57
CA LYS B 253 1.28 -1.41 27.08
C LYS B 253 1.60 0.08 27.06
N ALA B 254 2.81 0.42 27.49
CA ALA B 254 3.21 1.81 27.56
C ALA B 254 4.40 2.02 26.66
N GLU B 255 4.62 3.27 26.26
CA GLU B 255 5.77 3.62 25.46
C GLU B 255 7.04 3.08 26.12
N ASN B 256 7.80 2.26 25.39
CA ASN B 256 9.05 1.68 25.90
C ASN B 256 8.85 0.74 27.09
N GLY B 257 7.62 0.31 27.30
CA GLY B 257 7.30 -0.58 28.42
C GLY B 257 7.72 -2.03 28.20
N PRO B 258 7.42 -2.90 29.19
CA PRO B 258 7.73 -4.30 29.02
C PRO B 258 6.60 -4.96 28.23
N ILE B 259 6.81 -6.20 27.81
CA ILE B 259 5.85 -6.90 26.97
C ILE B 259 4.96 -7.87 27.77
N ASP B 260 3.64 -7.69 27.68
CA ASP B 260 2.71 -8.58 28.34
C ASP B 260 2.35 -9.75 27.41
N TRP B 261 2.81 -10.96 27.73
CA TRP B 261 2.45 -12.14 26.94
C TRP B 261 1.23 -12.85 27.50
N SER B 262 0.39 -13.41 26.64
CA SER B 262 -0.73 -14.23 27.14
C SER B 262 -0.94 -15.47 26.30
N GLY B 263 -1.37 -16.55 26.94
CA GLY B 263 -1.82 -17.73 26.22
C GLY B 263 -3.35 -17.83 26.17
N ASP B 264 -4.05 -16.78 26.60
CA ASP B 264 -5.51 -16.82 26.69
C ASP B 264 -6.07 -15.62 25.91
N MET B 265 -7.37 -15.66 25.65
CA MET B 265 -8.08 -14.57 25.00
C MET B 265 -8.20 -13.44 26.02
N PRO B 266 -8.36 -12.19 25.53
CA PRO B 266 -8.54 -11.10 26.47
C PRO B 266 -9.91 -11.22 27.14
N VAL B 267 -10.06 -10.62 28.32
CA VAL B 267 -11.34 -10.67 29.05
C VAL B 267 -12.48 -10.00 28.22
N SER B 268 -12.09 -9.10 27.31
CA SER B 268 -13.07 -8.35 26.49
C SER B 268 -13.58 -9.17 25.28
N CYS B 269 -13.03 -10.36 25.08
CA CYS B 269 -13.33 -11.15 23.87
C CYS B 269 -14.85 -11.30 23.70
N SER B 270 -15.33 -11.09 22.47
CA SER B 270 -16.75 -11.11 22.13
C SER B 270 -17.34 -12.54 22.12
N LEU B 271 -16.47 -13.54 21.96
CA LEU B 271 -16.90 -14.96 21.84
C LEU B 271 -17.32 -15.53 23.20
N SER B 272 -18.23 -16.51 23.19
CA SER B 272 -18.61 -17.20 24.44
C SER B 272 -17.34 -17.82 25.02
N ARG B 273 -17.31 -17.92 26.34
CA ARG B 273 -16.15 -18.50 26.99
C ARG B 273 -15.89 -19.96 26.54
N GLY B 274 -16.97 -20.71 26.30
CA GLY B 274 -16.83 -22.07 25.80
C GLY B 274 -16.09 -22.14 24.49
N LEU B 275 -16.39 -21.21 23.58
CA LEU B 275 -15.69 -21.17 22.31
C LEU B 275 -14.23 -20.73 22.50
N GLN B 276 -14.00 -19.73 23.34
CA GLN B 276 -12.65 -19.24 23.67
C GLN B 276 -11.71 -20.36 24.05
N VAL B 277 -12.16 -21.19 24.99
CA VAL B 277 -11.35 -22.31 25.46
C VAL B 277 -11.01 -23.35 24.38
N LEU B 278 -11.87 -23.49 23.38
CA LEU B 278 -11.59 -24.38 22.22
C LEU B 278 -10.67 -23.71 21.18
N LEU B 279 -10.83 -22.40 21.02
CA LEU B 279 -10.04 -21.62 20.07
C LEU B 279 -8.57 -21.49 20.49
N THR B 280 -8.33 -21.25 21.78
CA THR B 280 -6.93 -20.92 22.22
C THR B 280 -5.88 -21.99 21.89
N PRO B 281 -6.21 -23.28 22.11
CA PRO B 281 -5.20 -24.28 21.70
C PRO B 281 -4.95 -24.27 20.21
N VAL B 282 -5.99 -24.04 19.42
CA VAL B 282 -5.82 -23.88 17.96
C VAL B 282 -4.83 -22.75 17.63
N LEU B 283 -5.04 -21.56 18.18
CA LEU B 283 -4.11 -20.42 17.95
C LEU B 283 -2.71 -20.74 18.49
N ALA B 284 -2.62 -21.44 19.65
CA ALA B 284 -1.32 -21.76 20.22
C ALA B 284 -0.48 -22.65 19.31
N ASN B 285 -1.14 -23.55 18.60
CA ASN B 285 -0.43 -24.55 17.81
C ASN B 285 -0.18 -24.15 16.34
N ILE B 286 -0.76 -23.05 15.92
CA ILE B 286 -0.41 -22.47 14.59
C ILE B 286 0.40 -21.18 14.70
N LEU B 287 0.32 -20.50 15.84
CA LEU B 287 1.20 -19.35 16.09
C LEU B 287 2.50 -19.86 16.75
N GLU B 288 3.12 -20.82 16.08
CA GLU B 288 4.26 -21.54 16.61
C GLU B 288 5.32 -21.66 15.52
N ALA B 289 6.42 -20.92 15.66
CA ALA B 289 7.47 -20.90 14.62
C ALA B 289 8.30 -22.19 14.58
N ASP B 290 8.35 -22.89 15.71
CA ASP B 290 9.16 -24.10 15.80
C ASP B 290 8.48 -25.20 14.97
N GLN B 291 9.10 -25.57 13.84
CA GLN B 291 8.47 -26.53 12.93
C GLN B 291 8.34 -27.95 13.48
N GLU B 292 9.09 -28.24 14.53
CA GLU B 292 8.97 -29.50 15.26
C GLU B 292 7.73 -29.52 16.17
N LYS B 293 7.17 -28.34 16.42
CA LYS B 293 6.04 -28.23 17.35
C LYS B 293 4.76 -27.81 16.63
N CYS B 294 4.89 -26.97 15.60
CA CYS B 294 3.74 -26.38 14.87
C CYS B 294 2.87 -27.50 14.29
N TRP B 295 1.56 -27.32 14.29
CA TRP B 295 0.67 -28.20 13.54
C TRP B 295 0.88 -28.12 12.04
N GLY B 296 0.68 -29.23 11.33
CA GLY B 296 0.52 -29.17 9.90
C GLY B 296 -0.91 -28.79 9.53
N PHE B 297 -1.15 -28.64 8.23
CA PHE B 297 -2.50 -28.28 7.76
C PHE B 297 -3.54 -29.33 8.15
N ASP B 298 -3.22 -30.61 7.99
CA ASP B 298 -4.20 -31.66 8.29
C ASP B 298 -4.75 -31.60 9.70
N GLN B 299 -3.82 -31.39 10.67
CA GLN B 299 -4.21 -31.38 12.07
C GLN B 299 -4.95 -30.08 12.37
N PHE B 300 -4.55 -29.01 11.70
CA PHE B 300 -5.30 -27.75 11.81
C PHE B 300 -6.75 -27.90 11.30
N PHE B 301 -6.93 -28.47 10.11
CA PHE B 301 -8.27 -28.75 9.61
C PHE B 301 -9.06 -29.72 10.50
N ALA B 302 -8.41 -30.72 11.08
CA ALA B 302 -9.10 -31.66 11.98
C ALA B 302 -9.61 -30.96 13.23
N GLU B 303 -8.77 -30.17 13.87
CA GLU B 303 -9.16 -29.52 15.13
C GLU B 303 -10.19 -28.41 14.92
N THR B 304 -10.11 -27.70 13.79
CA THR B 304 -11.09 -26.61 13.52
C THR B 304 -12.43 -27.25 13.12
N SER B 305 -12.38 -28.34 12.36
CA SER B 305 -13.59 -29.07 12.05
C SER B 305 -14.29 -29.57 13.33
N ASP B 306 -13.52 -29.99 14.32
CA ASP B 306 -14.11 -30.45 15.59
C ASP B 306 -14.87 -29.33 16.29
N ILE B 307 -14.31 -28.12 16.29
CA ILE B 307 -15.02 -26.94 16.82
C ILE B 307 -16.31 -26.68 16.04
N LEU B 308 -16.25 -26.75 14.72
CA LEU B 308 -17.43 -26.46 13.89
C LEU B 308 -18.56 -27.48 14.07
N HIS B 309 -18.23 -28.71 14.49
CA HIS B 309 -19.26 -29.74 14.71
C HIS B 309 -19.36 -30.22 16.16
#